data_7U3W
#
_entry.id   7U3W
#
_cell.length_a   67.475
_cell.length_b   68.558
_cell.length_c   131.418
_cell.angle_alpha   77.894
_cell.angle_beta   79.649
_cell.angle_gamma   83.533
#
_symmetry.space_group_name_H-M   'P 1'
#
loop_
_entity.id
_entity.type
_entity.pdbx_description
1 polymer "DNA (5'-D(*AP*AP*CP*CP*TP*AP*CP*CP*TP*GP*GP*CP*AP*GP*GP*AP*CP*GP*AP*CP*T)-3')"
2 polymer "DNA (5'-D(*TP*CP*TP*GP*AP*TP*GP*TP*GP*GP*TP*AP*GP*G)-3')"
3 polymer "DNA (5'-D(*AP*GP*AP*GP*TP*CP*GP*TP*GP*GP*CP*TP*CP*G)-3')"
4 polymer "DNA (5'-D(*CP*AP*CP*GP*AP*GP*CP*CP*TP*GP*AP*TP*CP*GP*GP*AP*CP*AP*AP*GP*A)-3')"
5 polymer "DNA (5'-D(*TP*GP*TP*CP*TP*TP*GP*TP*GP*GP*TP*CP*GP*C)-3')"
6 polymer "DNA (5'-D(*GP*AP*GP*CP*GP*AP*CP*CP*TP*GP*TP*AP*CP*GP*GP*AP*CP*AP*TP*CP*A)-3')"
7 polymer "DNA (5'-D(*TP*AP*CP*AP*CP*CP*GP*AP*TP*CP*AP*CP*CP*TP*GP*CP*CP*AP*CP*CP*G)-3')"
8 polymer "DNA (5'-D(*CP*TP*CP*TP*GP*CP*AP*CP*TP*AP*CP*TP*AP*CP*GP*TP*CP*AP*GP*CP*A)-3')"
9 polymer "DNA (5'-D(P*TP*TP*TP*GP*CP*TP*GP*AP*CP*GP*TP*AP*GP*TP*AP*GP*TP*GP*CP*AP*G)-3')"
#
loop_
_entity_poly.entity_id
_entity_poly.type
_entity_poly.pdbx_seq_one_letter_code
_entity_poly.pdbx_strand_id
1 'polydeoxyribonucleotide'
;(DA)(DA)(DC)(DC)(DT)(DA)(DC)(DC)(DT)(DG)(DG)(DC)(DA)(DG)(DG)(DA)(DC)(DG)(DA)(DC)
(DT)
;
A
2 'polydeoxyribonucleotide' (DT)(DC)(DT)(DG)(DA)(DT)(DG)(DT)(DG)(DG)(DT)(DA)(DG)(DG) E
3 'polydeoxyribonucleotide' (DA)(DG)(DA)(DG)(DT)(DC)(DG)(DT)(DG)(DG)(DC)(DT)(DC)(DG) D
4 'polydeoxyribonucleotide'
;(DC)(DA)(DC)(DG)(DA)(DG)(DC)(DC)(DT)(DG)(DA)(DT)(DC)(DG)(DG)(DA)(DC)(DA)(DA)(DG)
(DA)
;
B
5 'polydeoxyribonucleotide' (DT)(DG)(DT)(DC)(DT)(DT)(DG)(DT)(DG)(DG)(DT)(DC)(DG)(DC) F
6 'polydeoxyribonucleotide'
;(DG)(DA)(DG)(DC)(DG)(DA)(DC)(DC)(DT)(DG)(DT)(DA)(DC)(DG)(DG)(DA)(DC)(DA)(DT)(DC)
(DA)
;
C
7 'polydeoxyribonucleotide'
;(DT)(DA)(DC)(DA)(DC)(DC)(DG)(DA)(DT)(DC)(DA)(DC)(DC)(DT)(DG)(DC)(DC)(DA)(DC)(DC)
(DG)
;
M
8 'polydeoxyribonucleotide'
;(DC)(DT)(DC)(DT)(DG)(DC)(DA)(DC)(DT)(DA)(DC)(DT)(DA)(DC)(DG)(DT)(DC)(DA)(DG)(DC)
(DA)
;
X
9 'polydeoxyribonucleotide'
;(DT)(DT)(DT)(DG)(DC)(DT)(DG)(DA)(DC)(DG)(DT)(DA)(DG)(DT)(DA)(DG)(DT)(DG)(DC)(DA)
(DG)
;
Y
#
loop_
_chem_comp.id
_chem_comp.type
_chem_comp.name
_chem_comp.formula
DA DNA linking 2'-DEOXYADENOSINE-5'-MONOPHOSPHATE 'C10 H14 N5 O6 P'
DC DNA linking 2'-DEOXYCYTIDINE-5'-MONOPHOSPHATE 'C9 H14 N3 O7 P'
DG DNA linking 2'-DEOXYGUANOSINE-5'-MONOPHOSPHATE 'C10 H14 N5 O7 P'
DT DNA linking THYMIDINE-5'-MONOPHOSPHATE 'C10 H15 N2 O8 P'
#